data_1AXY
#
_entry.id   1AXY
#
_cell.length_a   84.605
_cell.length_b   72.881
_cell.length_c   71.338
_cell.angle_alpha   90.00
_cell.angle_beta   113.48
_cell.angle_gamma   90.00
#
_symmetry.space_group_name_H-M   'C 1 2 1'
#
loop_
_entity.id
_entity.type
_entity.pdbx_description
1 polymer LECTIN
2 branched beta-D-xylopyranose-(1-2)-[alpha-D-mannopyranose-(1-3)][alpha-D-mannopyranose-(1-6)]beta-D-mannopyranose-(1-4)-2-acetamido-2-deoxy-beta-D-glucopyranose-(1-4)-[alpha-L-fucopyranose-(1-3)]2-acetamido-2-deoxy-beta-D-glucopyranose
3 non-polymer 'MANGANESE (II) ION'
4 non-polymer 'CALCIUM ION'
5 water water
#
_entity_poly.entity_id   1
_entity_poly.type   'polypeptide(L)'
_entity_poly.pdbx_seq_one_letter_code
;VETISFSFSEFEPGNDNLTLQGAALITQSGVLQLTKINQNGMPAWDSTGRTLYAKPVHIWDMTTGTVASFETRFSFSIEQ
PYTRPLPADGLVFFMGPTKSKPAQGYGYLGIFNNSKQDNSYQTLGVEFDTFSNPWDPPQVPHIGIDVNSIRSIKTQPFQL
DNGQVANVVIKYDASSKILHAVLVYPSSGAIYTIAEIVDVKQVLPEWVDVGLSGATGAQRDAAETHDVYSWSFQASLPE
;
_entity_poly.pdbx_strand_id   A
#
# COMPACT_ATOMS: atom_id res chain seq x y z
N VAL A 1 -6.17 27.19 -1.74
CA VAL A 1 -6.19 25.72 -1.53
C VAL A 1 -5.03 25.09 -2.30
N GLU A 2 -4.26 24.26 -1.60
CA GLU A 2 -3.12 23.60 -2.21
C GLU A 2 -3.54 22.20 -2.65
N THR A 3 -3.63 22.01 -3.96
CA THR A 3 -4.05 20.73 -4.51
C THR A 3 -2.95 20.04 -5.31
N ILE A 4 -3.00 18.71 -5.30
CA ILE A 4 -2.05 17.89 -6.04
C ILE A 4 -2.81 16.65 -6.48
N SER A 5 -2.59 16.23 -7.71
CA SER A 5 -3.26 15.04 -8.21
C SER A 5 -2.49 14.40 -9.35
N PHE A 6 -2.70 13.10 -9.51
CA PHE A 6 -2.08 12.35 -10.57
C PHE A 6 -2.98 11.18 -10.90
N SER A 7 -2.83 10.62 -12.09
CA SER A 7 -3.67 9.53 -12.50
C SER A 7 -2.96 8.71 -13.56
N PHE A 8 -2.65 7.46 -13.23
CA PHE A 8 -1.99 6.55 -14.16
C PHE A 8 -2.97 5.46 -14.54
N SER A 9 -3.54 5.56 -15.74
CA SER A 9 -4.49 4.56 -16.24
C SER A 9 -3.71 3.28 -16.49
N GLU A 10 -2.43 3.45 -16.78
CA GLU A 10 -1.50 2.36 -17.02
C GLU A 10 -0.12 2.97 -16.78
N PHE A 11 0.89 2.12 -16.66
CA PHE A 11 2.24 2.62 -16.42
C PHE A 11 3.11 2.48 -17.64
N GLU A 12 3.94 3.48 -17.88
CA GLU A 12 4.83 3.47 -19.04
C GLU A 12 6.29 3.41 -18.57
N PRO A 13 7.08 2.45 -19.09
CA PRO A 13 8.49 2.33 -18.69
C PRO A 13 9.26 3.63 -18.98
N GLY A 14 10.18 3.98 -18.10
CA GLY A 14 10.96 5.19 -18.28
C GLY A 14 10.36 6.48 -17.74
N ASN A 15 9.09 6.42 -17.35
CA ASN A 15 8.37 7.56 -16.79
C ASN A 15 9.16 8.14 -15.60
N ASP A 16 9.34 9.45 -15.53
CA ASP A 16 10.09 10.04 -14.42
C ASP A 16 9.22 10.63 -13.31
N ASN A 17 7.95 10.26 -13.31
CA ASN A 17 7.03 10.72 -12.29
C ASN A 17 6.90 9.71 -11.17
N LEU A 18 7.61 8.59 -11.31
CA LEU A 18 7.59 7.52 -10.33
C LEU A 18 8.98 7.08 -9.94
N THR A 19 9.20 6.91 -8.63
CA THR A 19 10.48 6.47 -8.11
C THR A 19 10.35 4.97 -7.78
N LEU A 20 11.02 4.14 -8.56
CA LEU A 20 10.98 2.68 -8.35
C LEU A 20 12.10 2.31 -7.41
N GLN A 21 11.78 1.52 -6.38
CA GLN A 21 12.76 1.09 -5.41
C GLN A 21 12.73 -0.42 -5.25
N GLY A 22 13.84 -1.01 -4.82
CA GLY A 22 13.89 -2.44 -4.63
C GLY A 22 13.66 -3.18 -5.93
N ALA A 23 12.80 -4.20 -5.89
CA ALA A 23 12.50 -5.01 -7.06
C ALA A 23 11.44 -4.46 -8.02
N ALA A 24 10.79 -3.35 -7.66
CA ALA A 24 9.74 -2.80 -8.50
C ALA A 24 10.15 -2.47 -9.93
N LEU A 25 9.28 -2.78 -10.89
CA LEU A 25 9.56 -2.46 -12.28
C LEU A 25 8.30 -2.40 -13.12
N ILE A 26 8.34 -1.55 -14.15
CA ILE A 26 7.21 -1.41 -15.05
C ILE A 26 7.50 -2.25 -16.29
N THR A 27 6.54 -3.11 -16.66
CA THR A 27 6.69 -3.97 -17.82
C THR A 27 6.31 -3.23 -19.11
N GLN A 28 6.68 -3.81 -20.25
CA GLN A 28 6.35 -3.23 -21.54
C GLN A 28 4.83 -3.27 -21.76
N SER A 29 4.16 -4.15 -21.03
CA SER A 29 2.71 -4.27 -21.15
C SER A 29 1.99 -3.20 -20.30
N GLY A 30 2.77 -2.41 -19.57
CA GLY A 30 2.20 -1.33 -18.78
C GLY A 30 1.78 -1.67 -17.36
N VAL A 31 2.26 -2.81 -16.86
CA VAL A 31 1.94 -3.27 -15.52
C VAL A 31 3.09 -2.98 -14.54
N LEU A 32 2.74 -2.52 -13.35
CA LEU A 32 3.72 -2.26 -12.30
C LEU A 32 3.83 -3.50 -11.42
N GLN A 33 4.94 -4.21 -11.55
CA GLN A 33 5.18 -5.40 -10.75
C GLN A 33 5.99 -4.99 -9.53
N LEU A 34 5.33 -4.93 -8.39
CA LEU A 34 6.01 -4.53 -7.16
C LEU A 34 7.08 -5.51 -6.74
N THR A 35 6.79 -6.81 -6.86
CA THR A 35 7.77 -7.83 -6.48
C THR A 35 8.21 -8.63 -7.70
N LYS A 36 9.43 -9.15 -7.64
CA LYS A 36 10.05 -9.89 -8.74
C LYS A 36 9.35 -11.16 -9.26
N ILE A 37 9.31 -11.29 -10.58
CA ILE A 37 8.74 -12.45 -11.27
C ILE A 37 9.94 -13.05 -12.01
N ASN A 38 10.21 -14.34 -11.77
CA ASN A 38 11.33 -15.01 -12.42
C ASN A 38 11.17 -15.16 -13.93
N GLN A 39 12.21 -15.72 -14.55
CA GLN A 39 12.23 -15.95 -16.00
C GLN A 39 11.15 -16.97 -16.41
N ASN A 40 10.86 -17.91 -15.51
CA ASN A 40 9.87 -18.95 -15.74
C ASN A 40 8.44 -18.46 -15.49
N GLY A 41 8.29 -17.18 -15.15
CA GLY A 41 6.96 -16.62 -14.91
C GLY A 41 6.39 -16.79 -13.50
N MET A 42 7.16 -17.38 -12.60
CA MET A 42 6.72 -17.60 -11.23
C MET A 42 7.23 -16.45 -10.33
N PRO A 43 6.45 -16.07 -9.31
CA PRO A 43 6.91 -15.00 -8.42
C PRO A 43 8.06 -15.44 -7.52
N ALA A 44 9.07 -14.59 -7.38
CA ALA A 44 10.23 -14.91 -6.54
C ALA A 44 10.02 -14.57 -5.06
N TRP A 45 10.52 -15.43 -4.18
CA TRP A 45 10.42 -15.18 -2.74
C TRP A 45 11.55 -14.22 -2.35
N ASP A 46 11.51 -13.72 -1.12
CA ASP A 46 12.54 -12.80 -0.62
C ASP A 46 12.66 -11.56 -1.51
N SER A 47 11.53 -10.96 -1.86
CA SER A 47 11.55 -9.79 -2.73
C SER A 47 10.76 -8.63 -2.14
N THR A 48 11.28 -7.42 -2.31
CA THR A 48 10.61 -6.22 -1.81
C THR A 48 10.75 -5.12 -2.87
N GLY A 49 9.63 -4.50 -3.20
CA GLY A 49 9.65 -3.44 -4.19
C GLY A 49 8.67 -2.35 -3.82
N ARG A 50 9.03 -1.10 -4.10
CA ARG A 50 8.16 0.04 -3.80
C ARG A 50 8.12 1.01 -4.97
N THR A 51 7.12 1.89 -4.96
CA THR A 51 6.96 2.90 -5.98
C THR A 51 6.39 4.13 -5.29
N LEU A 52 7.14 5.24 -5.36
CA LEU A 52 6.72 6.48 -4.73
C LEU A 52 6.47 7.53 -5.79
N TYR A 53 5.44 8.36 -5.59
CA TYR A 53 5.18 9.43 -6.53
C TYR A 53 6.38 10.38 -6.36
N ALA A 54 6.86 10.94 -7.47
CA ALA A 54 8.03 11.81 -7.47
C ALA A 54 7.92 13.18 -6.79
N LYS A 55 6.73 13.60 -6.42
CA LYS A 55 6.55 14.87 -5.74
C LYS A 55 5.95 14.68 -4.34
N PRO A 56 6.51 15.36 -3.31
CA PRO A 56 5.98 15.22 -1.96
C PRO A 56 4.63 15.93 -1.88
N VAL A 57 3.79 15.48 -0.97
CA VAL A 57 2.45 16.02 -0.80
C VAL A 57 2.34 16.82 0.48
N HIS A 58 1.72 17.99 0.41
CA HIS A 58 1.53 18.82 1.58
C HIS A 58 0.25 18.32 2.27
N ILE A 59 0.44 17.52 3.33
CA ILE A 59 -0.68 16.92 4.02
C ILE A 59 -1.29 17.77 5.13
N TRP A 60 -0.48 18.57 5.81
CA TRP A 60 -0.99 19.47 6.84
C TRP A 60 -0.02 20.61 7.10
N ASP A 61 -0.54 21.70 7.67
CA ASP A 61 0.27 22.88 7.95
C ASP A 61 0.21 23.21 9.44
N MET A 62 1.37 23.22 10.08
CA MET A 62 1.48 23.51 11.51
C MET A 62 1.05 24.93 11.87
N THR A 63 1.33 25.87 10.98
CA THR A 63 1.01 27.28 11.17
C THR A 63 -0.48 27.57 11.29
N THR A 64 -1.27 27.03 10.37
CA THR A 64 -2.71 27.25 10.36
C THR A 64 -3.49 26.08 10.95
N GLY A 65 -2.81 24.95 11.14
CA GLY A 65 -3.45 23.78 11.70
C GLY A 65 -4.42 23.04 10.78
N THR A 66 -4.49 23.47 9.52
CA THR A 66 -5.36 22.82 8.56
C THR A 66 -4.75 21.53 8.04
N VAL A 67 -5.58 20.55 7.71
CA VAL A 67 -5.08 19.29 7.16
C VAL A 67 -5.85 18.94 5.89
N ALA A 68 -5.15 18.32 4.96
CA ALA A 68 -5.74 17.94 3.69
C ALA A 68 -6.64 16.72 3.70
N SER A 69 -7.60 16.72 2.81
CA SER A 69 -8.47 15.58 2.61
C SER A 69 -7.86 14.97 1.35
N PHE A 70 -7.90 13.66 1.22
CA PHE A 70 -7.31 13.02 0.05
C PHE A 70 -8.05 11.76 -0.35
N GLU A 71 -7.76 11.27 -1.54
CA GLU A 71 -8.37 10.07 -2.04
C GLU A 71 -7.45 9.40 -3.03
N THR A 72 -7.36 8.08 -2.94
CA THR A 72 -6.54 7.33 -3.87
C THR A 72 -7.33 6.11 -4.33
N ARG A 73 -7.08 5.70 -5.56
CA ARG A 73 -7.73 4.54 -6.14
C ARG A 73 -6.66 3.78 -6.91
N PHE A 74 -6.71 2.46 -6.84
CA PHE A 74 -5.78 1.63 -7.59
C PHE A 74 -6.35 0.25 -7.78
N SER A 75 -5.82 -0.43 -8.78
CA SER A 75 -6.26 -1.78 -9.11
C SER A 75 -5.04 -2.68 -9.02
N PHE A 76 -5.21 -3.85 -8.43
CA PHE A 76 -4.10 -4.79 -8.30
C PHE A 76 -4.61 -6.22 -8.42
N SER A 77 -3.68 -7.15 -8.53
CA SER A 77 -4.02 -8.55 -8.57
C SER A 77 -2.89 -9.32 -7.88
N ILE A 78 -3.28 -10.36 -7.15
CA ILE A 78 -2.35 -11.22 -6.46
C ILE A 78 -2.62 -12.65 -6.93
N GLU A 79 -1.57 -13.35 -7.34
CA GLU A 79 -1.68 -14.75 -7.77
C GLU A 79 -0.80 -15.59 -6.86
N GLN A 80 -1.39 -16.63 -6.27
CA GLN A 80 -0.69 -17.55 -5.39
C GLN A 80 -0.68 -18.90 -6.09
N PRO A 81 0.44 -19.24 -6.76
CA PRO A 81 0.66 -20.47 -7.52
C PRO A 81 0.95 -21.77 -6.77
N TYR A 82 1.37 -21.68 -5.50
CA TYR A 82 1.68 -22.87 -4.74
C TYR A 82 0.79 -23.12 -3.55
N THR A 83 0.56 -24.40 -3.26
CA THR A 83 -0.25 -24.81 -2.12
C THR A 83 0.59 -24.74 -0.84
N ARG A 84 1.89 -24.95 -0.97
CA ARG A 84 2.81 -24.89 0.15
C ARG A 84 4.20 -24.49 -0.33
N PRO A 85 4.93 -23.68 0.45
CA PRO A 85 4.52 -23.13 1.75
C PRO A 85 3.43 -22.07 1.55
N LEU A 86 2.92 -21.54 2.66
CA LEU A 86 1.89 -20.51 2.60
C LEU A 86 2.43 -19.29 1.85
N PRO A 87 1.59 -18.67 1.01
CA PRO A 87 2.01 -17.48 0.26
C PRO A 87 2.24 -16.29 1.22
N ALA A 88 3.05 -15.34 0.79
CA ALA A 88 3.37 -14.16 1.60
C ALA A 88 3.93 -13.09 0.66
N ASP A 89 3.97 -11.82 1.06
CA ASP A 89 3.52 -11.32 2.36
C ASP A 89 2.36 -10.32 2.22
N GLY A 90 2.30 -9.65 1.07
CA GLY A 90 1.24 -8.69 0.83
C GLY A 90 1.72 -7.38 0.24
N LEU A 91 0.83 -6.41 0.13
CA LEU A 91 1.17 -5.10 -0.41
C LEU A 91 0.50 -4.04 0.44
N VAL A 92 0.95 -2.79 0.31
CA VAL A 92 0.41 -1.72 1.13
C VAL A 92 0.52 -0.34 0.51
N PHE A 93 -0.52 0.48 0.69
CA PHE A 93 -0.52 1.88 0.23
C PHE A 93 -0.04 2.65 1.47
N PHE A 94 0.94 3.53 1.33
CA PHE A 94 1.42 4.25 2.50
C PHE A 94 1.82 5.69 2.27
N MET A 95 1.93 6.42 3.38
CA MET A 95 2.35 7.82 3.40
C MET A 95 3.31 7.91 4.58
N GLY A 96 4.44 8.55 4.36
CA GLY A 96 5.43 8.70 5.42
C GLY A 96 6.41 9.82 5.11
N PRO A 97 7.53 9.90 5.84
CA PRO A 97 8.53 10.94 5.63
C PRO A 97 9.10 10.92 4.22
N THR A 98 9.37 12.11 3.69
CA THR A 98 9.93 12.25 2.34
C THR A 98 11.35 11.70 2.27
N LYS A 99 11.78 11.36 1.06
CA LYS A 99 13.13 10.84 0.82
C LYS A 99 13.41 9.50 1.48
N SER A 100 12.37 8.68 1.66
CA SER A 100 12.55 7.38 2.31
C SER A 100 13.04 6.28 1.37
N LYS A 101 13.74 5.31 1.97
CA LYS A 101 14.27 4.14 1.27
C LYS A 101 13.50 2.97 1.86
N PRO A 102 13.43 1.84 1.14
CA PRO A 102 12.70 0.68 1.67
C PRO A 102 13.22 0.19 3.03
N ALA A 103 12.31 -0.24 3.90
CA ALA A 103 12.67 -0.75 5.21
C ALA A 103 12.76 -2.28 5.14
N GLN A 104 12.38 -2.97 6.22
CA GLN A 104 12.43 -4.44 6.22
C GLN A 104 11.33 -5.02 5.35
N GLY A 105 11.63 -6.14 4.70
CA GLY A 105 10.63 -6.77 3.86
C GLY A 105 9.75 -7.73 4.63
N TYR A 106 9.37 -8.81 3.97
CA TYR A 106 8.53 -9.84 4.56
C TYR A 106 7.27 -9.21 5.17
N GLY A 107 6.88 -9.70 6.35
CA GLY A 107 5.70 -9.21 7.03
C GLY A 107 5.71 -7.74 7.39
N TYR A 108 6.86 -7.09 7.26
CA TYR A 108 6.95 -5.65 7.58
C TYR A 108 6.57 -4.83 6.36
N LEU A 109 6.33 -5.53 5.25
CA LEU A 109 5.89 -4.95 3.99
C LEU A 109 6.73 -3.85 3.37
N GLY A 110 8.00 -3.76 3.75
CA GLY A 110 8.88 -2.75 3.21
C GLY A 110 8.74 -1.36 3.81
N ILE A 111 7.93 -1.22 4.87
CA ILE A 111 7.74 0.08 5.49
C ILE A 111 8.02 0.16 6.99
N PHE A 112 8.23 -0.98 7.63
CA PHE A 112 8.54 -1.01 9.07
C PHE A 112 9.82 -1.82 9.31
N ASN A 113 10.44 -1.64 10.47
CA ASN A 113 11.67 -2.36 10.79
C ASN A 113 11.46 -3.41 11.88
N ASN A 114 10.35 -3.32 12.59
CA ASN A 114 10.03 -4.24 13.66
C ASN A 114 8.52 -4.17 13.87
N SER A 115 8.02 -4.82 14.92
CA SER A 115 6.59 -4.84 15.19
C SER A 115 6.17 -3.93 16.35
N LYS A 116 6.95 -2.91 16.65
CA LYS A 116 6.62 -1.99 17.73
C LYS A 116 5.78 -0.81 17.21
N GLN A 117 5.05 -0.15 18.11
CA GLN A 117 4.27 1.04 17.78
C GLN A 117 5.23 2.18 18.12
N ASP A 118 5.89 2.72 17.10
CA ASP A 118 6.87 3.76 17.29
C ASP A 118 6.46 5.05 16.55
N ASN A 119 6.29 6.13 17.31
CA ASN A 119 5.92 7.40 16.72
C ASN A 119 6.94 7.94 15.71
N SER A 120 8.18 7.45 15.78
CA SER A 120 9.22 7.91 14.87
C SER A 120 9.05 7.38 13.45
N TYR A 121 8.17 6.40 13.26
CA TYR A 121 7.92 5.88 11.92
C TYR A 121 7.21 6.95 11.08
N GLN A 122 6.28 7.67 11.72
CA GLN A 122 5.49 8.73 11.07
C GLN A 122 4.88 8.21 9.78
N THR A 123 4.31 7.00 9.86
CA THR A 123 3.74 6.32 8.71
C THR A 123 2.30 5.88 8.89
N LEU A 124 1.50 6.10 7.84
CA LEU A 124 0.09 5.71 7.78
C LEU A 124 0.03 4.75 6.60
N GLY A 125 -0.62 3.60 6.78
CA GLY A 125 -0.71 2.65 5.68
C GLY A 125 -2.00 1.84 5.68
N VAL A 126 -2.40 1.40 4.50
CA VAL A 126 -3.59 0.54 4.37
C VAL A 126 -3.04 -0.70 3.70
N GLU A 127 -2.92 -1.77 4.47
CA GLU A 127 -2.38 -3.03 4.00
C GLU A 127 -3.38 -4.04 3.49
N PHE A 128 -2.88 -4.92 2.63
CA PHE A 128 -3.60 -6.03 2.03
C PHE A 128 -2.63 -7.19 2.31
N ASP A 129 -2.76 -7.66 3.54
CA ASP A 129 -1.94 -8.70 4.13
C ASP A 129 -2.38 -10.13 3.84
N THR A 130 -1.46 -10.91 3.26
CA THR A 130 -1.74 -12.29 2.85
C THR A 130 -1.13 -13.38 3.74
N PHE A 131 -0.30 -13.00 4.71
CA PHE A 131 0.33 -13.97 5.59
C PHE A 131 0.12 -13.61 7.05
N SER A 132 -0.28 -14.57 7.86
CA SER A 132 -0.53 -14.31 9.28
C SER A 132 0.70 -14.40 10.18
N ASN A 133 1.21 -13.24 10.59
CA ASN A 133 2.36 -13.14 11.50
C ASN A 133 1.82 -13.18 12.94
N PRO A 134 2.71 -13.30 13.94
CA PRO A 134 2.22 -13.35 15.32
C PRO A 134 1.50 -12.10 15.80
N TRP A 135 1.68 -10.99 15.09
CA TRP A 135 1.01 -9.74 15.43
C TRP A 135 -0.31 -9.56 14.65
N ASP A 136 -0.61 -10.52 13.79
CA ASP A 136 -1.82 -10.50 12.96
C ASP A 136 -2.97 -11.32 13.47
N PRO A 137 -4.19 -10.98 13.02
CA PRO A 137 -5.36 -11.75 13.45
C PRO A 137 -5.16 -13.07 12.67
N PRO A 138 -5.81 -14.15 13.08
CA PRO A 138 -5.60 -15.39 12.31
C PRO A 138 -6.11 -15.44 10.88
N GLN A 139 -7.11 -14.63 10.55
CA GLN A 139 -7.65 -14.65 9.19
C GLN A 139 -6.82 -13.87 8.17
N VAL A 140 -6.53 -14.51 7.04
CA VAL A 140 -5.81 -13.89 5.94
C VAL A 140 -6.49 -14.37 4.66
N PRO A 141 -6.57 -13.51 3.63
CA PRO A 141 -6.04 -12.15 3.66
C PRO A 141 -6.92 -11.17 4.41
N HIS A 142 -6.35 -10.03 4.79
CA HIS A 142 -7.10 -8.99 5.48
C HIS A 142 -6.61 -7.61 5.13
N ILE A 143 -7.53 -6.66 5.16
CA ILE A 143 -7.21 -5.27 4.93
C ILE A 143 -6.90 -4.73 6.33
N GLY A 144 -5.92 -3.87 6.45
CA GLY A 144 -5.62 -3.33 7.76
C GLY A 144 -5.20 -1.88 7.69
N ILE A 145 -5.55 -1.11 8.72
CA ILE A 145 -5.15 0.30 8.79
C ILE A 145 -3.99 0.33 9.79
N ASP A 146 -2.81 0.71 9.30
CA ASP A 146 -1.59 0.78 10.09
C ASP A 146 -1.22 2.20 10.45
N VAL A 147 -1.06 2.46 11.75
CA VAL A 147 -0.69 3.79 12.22
C VAL A 147 0.56 3.67 13.07
N ASN A 148 1.72 3.98 12.47
CA ASN A 148 3.01 3.89 13.16
C ASN A 148 3.37 2.49 13.65
N SER A 149 2.79 1.47 13.03
CA SER A 149 3.05 0.10 13.42
C SER A 149 2.45 -0.90 12.44
N ILE A 150 3.07 -2.06 12.35
CA ILE A 150 2.56 -3.12 11.47
C ILE A 150 1.36 -3.81 12.16
N ARG A 151 1.16 -3.53 13.44
CA ARG A 151 0.03 -4.07 14.20
C ARG A 151 -1.15 -3.15 13.95
N SER A 152 -2.00 -3.50 12.99
CA SER A 152 -3.15 -2.68 12.62
C SER A 152 -4.06 -2.28 13.78
N ILE A 153 -4.63 -1.09 13.69
CA ILE A 153 -5.56 -0.64 14.71
C ILE A 153 -6.95 -1.15 14.37
N LYS A 154 -7.12 -1.61 13.13
CA LYS A 154 -8.40 -2.12 12.63
C LYS A 154 -8.11 -3.06 11.48
N THR A 155 -8.79 -4.20 11.46
CA THR A 155 -8.60 -5.21 10.44
C THR A 155 -9.92 -5.68 9.85
N GLN A 156 -9.89 -6.12 8.59
CA GLN A 156 -11.10 -6.64 7.92
C GLN A 156 -10.71 -7.77 6.98
N PRO A 157 -11.12 -9.01 7.30
CA PRO A 157 -10.80 -10.15 6.46
C PRO A 157 -11.53 -10.09 5.13
N PHE A 158 -10.89 -10.65 4.10
CA PHE A 158 -11.50 -10.70 2.79
C PHE A 158 -11.03 -11.97 2.10
N GLN A 159 -11.82 -12.45 1.15
CA GLN A 159 -11.46 -13.66 0.42
C GLN A 159 -10.75 -13.27 -0.86
N LEU A 160 -9.58 -13.87 -1.06
CA LEU A 160 -8.83 -13.56 -2.26
C LEU A 160 -9.47 -14.24 -3.47
N ASP A 161 -9.57 -13.49 -4.56
CA ASP A 161 -10.09 -14.00 -5.83
C ASP A 161 -8.77 -14.13 -6.60
N ASN A 162 -8.16 -15.31 -6.51
CA ASN A 162 -6.87 -15.60 -7.11
C ASN A 162 -6.65 -15.09 -8.54
N GLY A 163 -5.70 -14.17 -8.69
CA GLY A 163 -5.37 -13.63 -10.00
C GLY A 163 -6.37 -12.67 -10.61
N GLN A 164 -7.46 -12.39 -9.90
CA GLN A 164 -8.47 -11.47 -10.40
C GLN A 164 -8.12 -10.05 -9.97
N VAL A 165 -8.57 -9.07 -10.75
CA VAL A 165 -8.32 -7.67 -10.46
C VAL A 165 -9.22 -7.11 -9.37
N ALA A 166 -8.62 -6.50 -8.36
CA ALA A 166 -9.35 -5.89 -7.27
C ALA A 166 -9.29 -4.38 -7.41
N ASN A 167 -10.41 -3.71 -7.19
CA ASN A 167 -10.45 -2.25 -7.26
C ASN A 167 -10.47 -1.73 -5.84
N VAL A 168 -9.59 -0.79 -5.53
CA VAL A 168 -9.52 -0.22 -4.19
C VAL A 168 -9.78 1.29 -4.18
N VAL A 169 -10.52 1.75 -3.17
CA VAL A 169 -10.79 3.18 -3.00
C VAL A 169 -10.50 3.53 -1.54
N ILE A 170 -9.58 4.46 -1.33
CA ILE A 170 -9.24 4.90 0.02
C ILE A 170 -9.49 6.41 0.07
N LYS A 171 -10.33 6.82 1.01
CA LYS A 171 -10.68 8.25 1.15
C LYS A 171 -10.49 8.72 2.58
N TYR A 172 -9.97 9.94 2.73
CA TYR A 172 -9.76 10.53 4.04
C TYR A 172 -10.44 11.89 4.09
N ASP A 173 -11.40 12.03 5.00
CA ASP A 173 -12.12 13.29 5.17
C ASP A 173 -11.50 13.98 6.39
N ALA A 174 -10.73 15.04 6.13
CA ALA A 174 -10.06 15.79 7.19
C ALA A 174 -10.98 16.34 8.27
N SER A 175 -12.18 16.76 7.89
CA SER A 175 -13.13 17.33 8.85
C SER A 175 -13.58 16.33 9.93
N SER A 176 -13.97 15.14 9.51
CA SER A 176 -14.40 14.12 10.47
C SER A 176 -13.27 13.20 10.92
N LYS A 177 -12.11 13.31 10.25
CA LYS A 177 -10.94 12.50 10.55
C LYS A 177 -11.17 11.02 10.27
N ILE A 178 -12.07 10.72 9.34
CA ILE A 178 -12.35 9.34 8.99
C ILE A 178 -11.57 8.87 7.76
N LEU A 179 -10.90 7.73 7.91
CA LEU A 179 -10.18 7.11 6.82
C LEU A 179 -11.04 5.91 6.45
N HIS A 180 -11.65 5.93 5.27
CA HIS A 180 -12.47 4.82 4.83
C HIS A 180 -11.93 4.18 3.56
N ALA A 181 -11.84 2.86 3.57
CA ALA A 181 -11.33 2.09 2.45
C ALA A 181 -12.35 1.04 1.98
N VAL A 182 -12.36 0.80 0.68
CA VAL A 182 -13.26 -0.16 0.06
C VAL A 182 -12.49 -1.04 -0.93
N LEU A 183 -12.80 -2.33 -0.92
CA LEU A 183 -12.19 -3.25 -1.87
C LEU A 183 -13.33 -3.98 -2.56
N VAL A 184 -13.29 -3.97 -3.89
CA VAL A 184 -14.31 -4.61 -4.70
C VAL A 184 -13.68 -5.54 -5.72
N TYR A 185 -14.22 -6.75 -5.85
CA TYR A 185 -13.75 -7.70 -6.85
C TYR A 185 -14.85 -7.76 -7.90
N PRO A 186 -14.65 -7.10 -9.06
CA PRO A 186 -15.64 -7.10 -10.13
C PRO A 186 -16.00 -8.52 -10.58
N SER A 187 -15.01 -9.41 -10.56
CA SER A 187 -15.20 -10.79 -10.96
C SER A 187 -16.35 -11.44 -10.21
N SER A 188 -16.28 -11.44 -8.87
CA SER A 188 -17.31 -12.05 -8.04
C SER A 188 -18.35 -11.10 -7.50
N GLY A 189 -18.08 -9.80 -7.59
CA GLY A 189 -19.01 -8.80 -7.07
C GLY A 189 -18.84 -8.55 -5.58
N ALA A 190 -17.82 -9.15 -4.97
CA ALA A 190 -17.56 -8.99 -3.54
C ALA A 190 -17.16 -7.56 -3.16
N ILE A 191 -17.74 -7.08 -2.06
CA ILE A 191 -17.45 -5.74 -1.56
C ILE A 191 -17.07 -5.80 -0.08
N TYR A 192 -15.91 -5.21 0.25
CA TYR A 192 -15.45 -5.20 1.63
C TYR A 192 -15.21 -3.74 1.99
N THR A 193 -15.55 -3.38 3.22
CA THR A 193 -15.39 -2.00 3.67
C THR A 193 -14.75 -1.93 5.06
N ILE A 194 -13.95 -0.90 5.27
CA ILE A 194 -13.28 -0.72 6.56
C ILE A 194 -13.09 0.78 6.80
N ALA A 195 -13.33 1.22 8.04
CA ALA A 195 -13.18 2.63 8.38
C ALA A 195 -12.69 2.79 9.81
N GLU A 196 -11.93 3.85 10.06
CA GLU A 196 -11.44 4.10 11.39
C GLU A 196 -11.06 5.58 11.50
N ILE A 197 -11.06 6.10 12.72
CA ILE A 197 -10.71 7.50 12.93
C ILE A 197 -9.21 7.61 13.05
N VAL A 198 -8.63 8.52 12.27
CA VAL A 198 -7.18 8.73 12.27
C VAL A 198 -6.92 10.22 12.15
N ASP A 199 -6.25 10.81 13.15
CA ASP A 199 -5.91 12.23 13.06
C ASP A 199 -4.47 12.27 12.54
N VAL A 200 -4.33 12.54 11.26
CA VAL A 200 -3.01 12.57 10.63
C VAL A 200 -2.02 13.55 11.25
N LYS A 201 -2.50 14.60 11.93
CA LYS A 201 -1.61 15.57 12.57
C LYS A 201 -0.78 14.92 13.68
N GLN A 202 -1.31 13.84 14.24
CA GLN A 202 -0.62 13.12 15.31
C GLN A 202 0.29 12.02 14.76
N VAL A 203 0.20 11.77 13.46
CA VAL A 203 0.97 10.70 12.84
C VAL A 203 2.05 11.11 11.84
N LEU A 204 1.63 11.85 10.83
CA LEU A 204 2.51 12.26 9.74
C LEU A 204 3.14 13.63 9.83
N PRO A 205 4.25 13.83 9.10
CA PRO A 205 4.93 15.12 9.08
C PRO A 205 4.10 15.95 8.11
N GLU A 206 4.36 17.25 8.03
CA GLU A 206 3.60 18.13 7.13
C GLU A 206 3.69 17.76 5.65
N TRP A 207 4.86 17.29 5.23
CA TRP A 207 5.09 16.90 3.85
C TRP A 207 5.39 15.40 3.84
N VAL A 208 4.74 14.68 2.93
CA VAL A 208 4.92 13.23 2.85
C VAL A 208 5.12 12.69 1.43
N ASP A 209 5.68 11.49 1.35
CA ASP A 209 5.83 10.79 0.08
C ASP A 209 4.69 9.78 0.11
N VAL A 210 4.00 9.60 -1.03
CA VAL A 210 2.93 8.62 -1.11
C VAL A 210 3.44 7.49 -1.99
N GLY A 211 3.08 6.26 -1.65
CA GLY A 211 3.54 5.14 -2.44
C GLY A 211 2.85 3.82 -2.18
N LEU A 212 3.33 2.82 -2.91
CA LEU A 212 2.85 1.45 -2.82
C LEU A 212 4.08 0.59 -2.58
N SER A 213 3.93 -0.42 -1.74
CA SER A 213 5.05 -1.31 -1.43
C SER A 213 4.54 -2.74 -1.36
N GLY A 214 5.38 -3.69 -1.78
CA GLY A 214 4.99 -5.09 -1.73
C GLY A 214 6.17 -5.94 -1.33
N ALA A 215 5.91 -7.12 -0.77
CA ALA A 215 6.98 -8.01 -0.35
C ALA A 215 6.56 -9.47 -0.40
N THR A 216 7.50 -10.34 -0.75
CA THR A 216 7.23 -11.78 -0.76
C THR A 216 7.94 -12.36 0.47
N GLY A 217 7.67 -13.64 0.76
CA GLY A 217 8.20 -14.29 1.95
C GLY A 217 9.67 -14.55 2.23
N ALA A 218 9.93 -14.90 3.48
CA ALA A 218 11.25 -15.19 4.02
C ALA A 218 11.74 -16.61 3.72
N GLN A 219 10.85 -17.50 3.32
CA GLN A 219 11.27 -18.87 3.01
C GLN A 219 11.00 -19.22 1.55
N ARG A 220 11.75 -20.18 1.04
CA ARG A 220 11.63 -20.58 -0.35
C ARG A 220 10.22 -20.86 -0.83
N ASP A 221 9.86 -20.18 -1.90
CA ASP A 221 8.57 -20.29 -2.55
C ASP A 221 7.38 -19.72 -1.81
N ALA A 222 7.63 -19.04 -0.70
CA ALA A 222 6.57 -18.38 0.06
C ALA A 222 6.46 -17.07 -0.73
N ALA A 223 5.70 -17.12 -1.83
CA ALA A 223 5.58 -15.97 -2.70
C ALA A 223 4.26 -15.90 -3.45
N GLU A 224 4.03 -14.77 -4.10
CA GLU A 224 2.81 -14.50 -4.85
C GLU A 224 3.12 -13.22 -5.64
N THR A 225 2.30 -12.90 -6.61
CA THR A 225 2.53 -11.66 -7.37
C THR A 225 1.88 -10.50 -6.64
N HIS A 226 2.31 -9.28 -6.98
CA HIS A 226 1.75 -8.05 -6.43
C HIS A 226 1.77 -7.07 -7.60
N ASP A 227 0.85 -7.28 -8.54
CA ASP A 227 0.75 -6.47 -9.75
C ASP A 227 -0.26 -5.33 -9.63
N VAL A 228 0.16 -4.13 -10.04
CA VAL A 228 -0.69 -2.95 -10.00
C VAL A 228 -0.92 -2.46 -11.43
N TYR A 229 -2.18 -2.20 -11.77
CA TYR A 229 -2.55 -1.80 -13.12
C TYR A 229 -2.80 -0.31 -13.34
N SER A 230 -3.23 0.37 -12.28
CA SER A 230 -3.52 1.79 -12.37
C SER A 230 -3.45 2.39 -10.98
N TRP A 231 -3.28 3.71 -10.90
CA TRP A 231 -3.18 4.37 -9.62
C TRP A 231 -3.40 5.87 -9.78
N SER A 232 -4.36 6.41 -9.05
CA SER A 232 -4.64 7.84 -9.09
C SER A 232 -4.67 8.36 -7.66
N PHE A 233 -4.39 9.63 -7.49
CA PHE A 233 -4.37 10.24 -6.17
C PHE A 233 -4.70 11.71 -6.29
N GLN A 234 -5.31 12.26 -5.25
CA GLN A 234 -5.65 13.66 -5.22
C GLN A 234 -5.75 14.11 -3.77
N ALA A 235 -5.22 15.29 -3.48
CA ALA A 235 -5.26 15.84 -2.13
C ALA A 235 -5.48 17.33 -2.20
N SER A 236 -6.23 17.86 -1.24
CA SER A 236 -6.53 19.29 -1.17
C SER A 236 -6.34 19.81 0.23
N LEU A 237 -5.43 20.78 0.36
CA LEU A 237 -5.12 21.41 1.63
C LEU A 237 -5.87 22.74 1.66
N PRO A 238 -6.93 22.85 2.48
CA PRO A 238 -7.70 24.10 2.56
C PRO A 238 -6.79 25.25 2.99
N GLU A 239 -6.60 26.20 2.09
CA GLU A 239 -5.77 27.37 2.34
C GLU A 239 -6.30 28.60 1.60
#